data_2WW4
#
_entry.id   2WW4
#
_cell.length_a   49.051
_cell.length_b   50.124
_cell.length_c   66.035
_cell.angle_alpha   88.77
_cell.angle_beta   69.65
_cell.angle_gamma   65.14
#
_symmetry.space_group_name_H-M   'P 1'
#
loop_
_entity.id
_entity.type
_entity.pdbx_description
1 polymer '4-DIPHOSPHOCYTIDYL-2C-METHYL-D-ERYTHRITOL KINASE'
2 non-polymer "ADENOSINE-5'-DIPHOSPHATE"
3 non-polymer GLYCEROL
4 water water
#
_entity_poly.entity_id   1
_entity_poly.type   'polypeptide(L)'
_entity_poly.pdbx_seq_one_letter_code
;MRTQWPSPAKLNLFLYITGQRADGYHTLQTLFQFLDYGDTISIELRDDGDIRLLTPVEGVEHEDNLIVRAARLLMKTAAD
SGRLPTGSGANISIDKRLPMGGGLGGGSSNAATVLVALNHLWQCGLSMDELAEMGLTLGADVPVFVRGHAAFAEGVGEIL
TPVDPPEKWYLVAHPGVSIPTPVIFKDPELPRNTPKRSIETLLKCEFSNDCEVIARKRFREVDAVLSWLLEYAPSRLTGT
GACVFAEFDTESEARQVLEQAPEWLNGFVAKGVNLSPLHRAML
;
_entity_poly.pdbx_strand_id   A,B
#
loop_
_chem_comp.id
_chem_comp.type
_chem_comp.name
_chem_comp.formula
ADP non-polymer ADENOSINE-5'-DIPHOSPHATE 'C10 H15 N5 O10 P2'
GOL non-polymer GLYCEROL 'C3 H8 O3'
#
# COMPACT_ATOMS: atom_id res chain seq x y z
N MET A 1 5.98 33.31 16.59
CA MET A 1 7.44 33.17 16.35
C MET A 1 7.72 32.13 15.25
N ARG A 2 8.92 32.18 14.68
CA ARG A 2 9.27 31.39 13.52
C ARG A 2 10.27 30.30 13.89
N THR A 3 9.91 29.04 13.63
CA THR A 3 10.80 27.90 13.86
C THR A 3 11.22 27.27 12.52
N GLN A 4 12.44 26.74 12.48
CA GLN A 4 12.95 26.04 11.29
C GLN A 4 13.09 24.54 11.55
N TRP A 5 12.82 23.74 10.51
CA TRP A 5 12.69 22.28 10.65
C TRP A 5 13.31 21.53 9.48
N PRO A 6 14.35 20.73 9.75
CA PRO A 6 14.95 20.01 8.66
C PRO A 6 14.01 19.00 7.99
N SER A 7 14.19 18.88 6.68
CA SER A 7 13.49 17.89 5.86
C SER A 7 14.55 17.19 5.01
N PRO A 8 15.19 16.16 5.58
CA PRO A 8 16.37 15.57 4.92
C PRO A 8 16.03 14.62 3.78
N ALA A 9 17.01 14.36 2.94
CA ALA A 9 16.91 13.32 1.91
C ALA A 9 17.13 11.95 2.54
N LYS A 10 16.74 10.90 1.81
CA LYS A 10 17.05 9.55 2.16
C LYS A 10 17.74 8.92 0.97
N LEU A 11 18.42 7.81 1.23
CA LEU A 11 18.83 6.85 0.18
C LEU A 11 18.26 5.47 0.57
N ASN A 12 17.88 4.67 -0.41
CA ASN A 12 17.64 3.24 -0.19
C ASN A 12 18.97 2.49 -0.37
N LEU A 13 19.61 2.09 0.72
CA LEU A 13 20.91 1.41 0.63
CA LEU A 13 20.91 1.41 0.65
C LEU A 13 20.75 0.06 -0.07
N PHE A 14 19.59 -0.56 0.12
CA PHE A 14 19.15 -1.69 -0.70
C PHE A 14 17.64 -1.61 -0.89
N LEU A 15 17.11 -2.32 -1.89
CA LEU A 15 15.68 -2.32 -2.22
C LEU A 15 15.37 -3.62 -2.96
N TYR A 16 14.57 -4.49 -2.34
CA TYR A 16 14.24 -5.79 -2.91
C TYR A 16 12.76 -5.81 -3.08
N ILE A 17 12.34 -6.24 -4.27
CA ILE A 17 10.94 -6.42 -4.58
C ILE A 17 10.55 -7.89 -4.36
N THR A 18 9.73 -8.13 -3.34
CA THR A 18 9.37 -9.46 -2.92
C THR A 18 8.10 -9.99 -3.56
N GLY A 19 7.23 -9.10 -4.02
CA GLY A 19 5.97 -9.54 -4.61
C GLY A 19 5.14 -8.40 -5.16
N GLN A 20 4.06 -8.77 -5.85
CA GLN A 20 3.08 -7.81 -6.34
C GLN A 20 1.69 -8.39 -6.13
N ARG A 21 0.81 -7.58 -5.54
CA ARG A 21 -0.53 -8.02 -5.25
C ARG A 21 -1.38 -7.88 -6.50
N ALA A 22 -2.58 -8.43 -6.48
CA ALA A 22 -3.46 -8.37 -7.64
C ALA A 22 -3.76 -6.93 -7.97
N ASP A 23 -3.83 -6.04 -6.98
CA ASP A 23 -4.16 -4.63 -7.27
C ASP A 23 -3.01 -3.85 -7.87
N GLY A 24 -1.86 -4.50 -8.05
CA GLY A 24 -0.70 -3.85 -8.64
C GLY A 24 0.33 -3.35 -7.64
N TYR A 25 0.03 -3.32 -6.34
CA TYR A 25 0.99 -2.79 -5.36
CA TYR A 25 0.98 -2.81 -5.36
C TYR A 25 2.14 -3.78 -5.14
N HIS A 26 3.36 -3.26 -5.15
CA HIS A 26 4.55 -4.06 -4.92
C HIS A 26 5.02 -4.02 -3.48
N THR A 27 5.29 -5.18 -2.91
CA THR A 27 5.84 -5.26 -1.57
C THR A 27 7.35 -5.25 -1.66
N LEU A 28 7.97 -4.59 -0.70
CA LEU A 28 9.40 -4.35 -0.73
C LEU A 28 10.08 -4.75 0.58
N GLN A 29 11.37 -5.02 0.50
CA GLN A 29 12.23 -5.01 1.69
C GLN A 29 13.33 -4.01 1.36
N THR A 30 13.45 -2.95 2.12
CA THR A 30 14.42 -1.91 1.78
C THR A 30 15.02 -1.29 3.04
N LEU A 31 16.26 -0.83 2.91
CA LEU A 31 16.99 -0.17 4.00
C LEU A 31 17.19 1.33 3.69
N PHE A 32 16.66 2.15 4.59
CA PHE A 32 16.76 3.58 4.52
C PHE A 32 17.87 4.10 5.40
N GLN A 33 18.63 5.05 4.86
CA GLN A 33 19.48 5.92 5.70
C GLN A 33 19.27 7.36 5.24
N PHE A 34 19.37 8.32 6.16
CA PHE A 34 19.19 9.70 5.80
C PHE A 34 20.49 10.29 5.26
N LEU A 35 20.35 11.40 4.55
CA LEU A 35 21.46 12.28 4.27
C LEU A 35 21.42 13.49 5.19
N ASP A 36 22.59 13.96 5.62
CA ASP A 36 22.65 15.20 6.36
C ASP A 36 22.63 16.34 5.34
N TYR A 37 21.49 16.44 4.67
CA TYR A 37 21.34 17.34 3.54
C TYR A 37 19.89 17.32 3.10
N GLY A 38 19.33 18.48 2.77
CA GLY A 38 17.95 18.51 2.30
C GLY A 38 17.27 19.85 2.35
N ASP A 39 15.94 19.83 2.55
CA ASP A 39 15.13 21.03 2.53
C ASP A 39 15.05 21.59 3.93
N THR A 40 14.66 22.85 4.04
CA THR A 40 14.35 23.42 5.35
C THR A 40 12.96 24.06 5.32
N ILE A 41 12.13 23.73 6.29
CA ILE A 41 10.74 24.20 6.33
C ILE A 41 10.58 25.14 7.52
N SER A 42 10.17 26.38 7.24
CA SER A 42 9.95 27.37 8.26
C SER A 42 8.45 27.52 8.50
N ILE A 43 8.08 27.59 9.77
CA ILE A 43 6.69 27.64 10.20
C ILE A 43 6.45 28.83 11.14
N GLU A 44 5.38 29.55 10.89
CA GLU A 44 4.88 30.57 11.81
C GLU A 44 3.44 30.22 12.13
N LEU A 45 3.10 30.14 13.40
CA LEU A 45 1.76 29.78 13.81
C LEU A 45 0.73 30.89 13.55
N ARG A 46 -0.49 30.47 13.24
CA ARG A 46 -1.61 31.37 13.04
C ARG A 46 -2.63 31.03 14.10
N ASP A 47 -3.51 31.96 14.44
CA ASP A 47 -4.53 31.67 15.43
C ASP A 47 -5.92 31.77 14.83
N ASP A 48 -5.99 31.88 13.51
CA ASP A 48 -7.25 32.01 12.83
C ASP A 48 -7.66 30.75 12.09
N GLY A 49 -6.92 29.66 12.26
CA GLY A 49 -7.29 28.38 11.67
C GLY A 49 -6.90 28.12 10.22
N ASP A 50 -6.25 29.09 9.59
CA ASP A 50 -5.82 28.98 8.20
C ASP A 50 -4.52 28.15 8.08
N ILE A 51 -4.34 27.51 6.93
CA ILE A 51 -3.07 26.89 6.53
C ILE A 51 -2.64 27.53 5.23
N ARG A 52 -1.48 28.19 5.21
CA ARG A 52 -0.93 28.76 3.95
C ARG A 52 0.48 28.25 3.66
N LEU A 53 0.69 27.73 2.46
CA LEU A 53 2.05 27.53 1.95
C LEU A 53 2.47 28.78 1.17
N LEU A 54 3.41 29.55 1.73
CA LEU A 54 3.83 30.82 1.13
C LEU A 54 4.82 30.68 -0.03
N THR A 55 5.45 29.52 -0.14
CA THR A 55 6.45 29.25 -1.16
C THR A 55 5.98 28.15 -2.13
N PRO A 56 5.55 28.52 -3.35
CA PRO A 56 5.08 27.51 -4.31
C PRO A 56 6.19 26.55 -4.72
N VAL A 57 5.87 25.28 -4.92
CA VAL A 57 6.89 24.34 -5.40
C VAL A 57 6.67 24.01 -6.88
N GLU A 58 7.76 24.12 -7.63
CA GLU A 58 7.77 24.00 -9.10
C GLU A 58 6.84 22.92 -9.64
N GLY A 59 5.78 23.38 -10.32
CA GLY A 59 4.86 22.49 -11.01
C GLY A 59 3.82 21.84 -10.11
N VAL A 60 3.72 22.28 -8.85
CA VAL A 60 2.80 21.67 -7.90
C VAL A 60 1.82 22.70 -7.34
N GLU A 61 0.53 22.41 -7.52
CA GLU A 61 -0.53 23.29 -7.06
C GLU A 61 -0.56 23.36 -5.54
N HIS A 62 -1.10 24.45 -4.99
CA HIS A 62 -1.18 24.67 -3.55
C HIS A 62 -1.73 23.44 -2.83
N GLU A 63 -2.91 23.00 -3.25
CA GLU A 63 -3.61 21.97 -2.52
C GLU A 63 -3.11 20.56 -2.88
N ASP A 64 -2.31 20.46 -3.92
CA ASP A 64 -1.69 19.18 -4.27
C ASP A 64 -0.33 19.05 -3.63
N ASN A 65 0.18 20.13 -3.04
CA ASN A 65 1.46 20.05 -2.36
C ASN A 65 1.33 19.18 -1.12
N LEU A 66 2.25 18.22 -0.97
CA LEU A 66 2.28 17.35 0.21
C LEU A 66 2.48 18.11 1.53
N ILE A 67 3.03 19.32 1.45
CA ILE A 67 3.13 20.17 2.65
C ILE A 67 1.70 20.52 3.07
N VAL A 68 0.89 21.03 2.15
CA VAL A 68 -0.47 21.42 2.46
C VAL A 68 -1.35 20.18 2.79
N ARG A 69 -1.19 19.10 2.03
CA ARG A 69 -1.98 17.90 2.27
C ARG A 69 -1.74 17.37 3.68
N ALA A 70 -0.48 17.36 4.11
CA ALA A 70 -0.11 16.85 5.41
C ALA A 70 -0.61 17.76 6.53
N ALA A 71 -0.50 19.08 6.35
CA ALA A 71 -0.97 20.02 7.37
C ALA A 71 -2.49 19.87 7.55
N ARG A 72 -3.21 19.80 6.43
CA ARG A 72 -4.67 19.66 6.48
C ARG A 72 -5.15 18.31 7.04
N LEU A 73 -4.36 17.25 6.86
CA LEU A 73 -4.74 15.92 7.33
C LEU A 73 -4.58 15.82 8.84
N LEU A 74 -3.48 16.35 9.35
CA LEU A 74 -3.26 16.47 10.79
C LEU A 74 -4.38 17.28 11.45
N MET A 75 -4.64 18.47 10.92
CA MET A 75 -5.65 19.38 11.47
C MET A 75 -7.01 18.67 11.59
N LYS A 76 -7.41 18.00 10.52
CA LYS A 76 -8.67 17.26 10.51
C LYS A 76 -8.64 16.12 11.54
N THR A 77 -7.51 15.43 11.64
CA THR A 77 -7.41 14.23 12.46
C THR A 77 -7.39 14.63 13.94
N ALA A 78 -6.67 15.70 14.24
CA ALA A 78 -6.66 16.24 15.60
C ALA A 78 -8.05 16.79 15.99
N ALA A 79 -8.65 17.60 15.12
CA ALA A 79 -9.98 18.19 15.41
C ALA A 79 -11.05 17.15 15.71
N ASP A 80 -11.03 16.05 14.97
CA ASP A 80 -12.05 15.00 15.10
C ASP A 80 -11.84 14.08 16.31
N SER A 81 -10.62 14.06 16.84
CA SER A 81 -10.33 13.32 18.06
C SER A 81 -10.14 14.29 19.22
N GLY A 82 -10.64 15.52 19.04
CA GLY A 82 -10.62 16.55 20.06
C GLY A 82 -9.24 17.00 20.53
N ARG A 83 -8.25 16.98 19.65
CA ARG A 83 -6.87 17.27 20.04
C ARG A 83 -6.25 18.47 19.30
N LEU A 84 -7.09 19.38 18.83
CA LEU A 84 -6.62 20.57 18.12
C LEU A 84 -7.09 21.81 18.86
N PRO A 85 -6.16 22.60 19.41
CA PRO A 85 -6.63 23.83 20.06
C PRO A 85 -7.35 24.77 19.08
N THR A 86 -8.39 25.45 19.56
CA THR A 86 -9.15 26.40 18.75
C THR A 86 -8.22 27.38 18.06
N GLY A 87 -8.42 27.56 16.76
CA GLY A 87 -7.64 28.53 15.98
C GLY A 87 -6.31 28.04 15.41
N SER A 88 -5.90 26.81 15.76
CA SER A 88 -4.62 26.28 15.28
C SER A 88 -4.45 26.43 13.76
N GLY A 89 -3.38 27.09 13.36
CA GLY A 89 -3.10 27.31 11.94
C GLY A 89 -1.60 27.53 11.73
N ALA A 90 -1.19 27.79 10.51
CA ALA A 90 0.24 27.97 10.27
C ALA A 90 0.50 28.55 8.90
N ASN A 91 1.53 29.39 8.85
CA ASN A 91 2.15 29.79 7.60
C ASN A 91 3.36 28.89 7.42
N ILE A 92 3.57 28.36 6.21
CA ILE A 92 4.63 27.39 5.97
C ILE A 92 5.40 27.82 4.76
N SER A 93 6.72 27.87 4.88
CA SER A 93 7.60 28.20 3.77
C SER A 93 8.71 27.15 3.63
N ILE A 94 8.97 26.73 2.40
CA ILE A 94 10.01 25.74 2.17
C ILE A 94 11.16 26.30 1.33
N ASP A 95 12.35 26.18 1.90
CA ASP A 95 13.60 26.29 1.17
C ASP A 95 13.90 24.95 0.53
N LYS A 96 13.57 24.83 -0.75
CA LYS A 96 13.55 23.56 -1.44
C LYS A 96 14.90 23.31 -2.16
N ARG A 97 15.71 22.40 -1.65
CA ARG A 97 16.99 22.01 -2.30
C ARG A 97 16.93 20.65 -3.01
N LEU A 98 16.01 19.79 -2.61
CA LEU A 98 15.92 18.45 -3.17
C LEU A 98 15.28 18.43 -4.56
N PRO A 99 15.80 17.57 -5.45
CA PRO A 99 15.16 17.48 -6.77
C PRO A 99 13.73 17.02 -6.58
N MET A 100 12.93 17.17 -7.62
CA MET A 100 11.60 16.55 -7.66
C MET A 100 11.82 15.12 -8.13
N GLY A 101 11.45 14.20 -7.26
CA GLY A 101 11.62 12.78 -7.53
C GLY A 101 13.04 12.38 -7.22
N GLY A 102 13.68 11.77 -8.22
CA GLY A 102 15.07 11.41 -8.15
C GLY A 102 15.35 10.23 -7.26
N GLY A 103 14.42 9.85 -6.38
CA GLY A 103 14.65 8.70 -5.49
C GLY A 103 15.28 9.11 -4.16
N LEU A 104 15.26 10.41 -3.87
CA LEU A 104 15.76 10.95 -2.60
C LEU A 104 14.67 11.18 -1.56
N GLY A 105 13.41 11.00 -1.96
CA GLY A 105 12.27 11.03 -1.04
C GLY A 105 11.85 12.39 -0.52
N GLY A 106 12.10 13.44 -1.29
CA GLY A 106 11.90 14.79 -0.82
C GLY A 106 10.47 15.11 -0.43
N GLY A 107 9.52 14.63 -1.23
CA GLY A 107 8.11 14.89 -0.99
C GLY A 107 7.63 14.19 0.25
N SER A 108 8.00 12.92 0.41
CA SER A 108 7.73 12.18 1.64
C SER A 108 8.37 12.90 2.84
N SER A 109 9.61 13.35 2.70
CA SER A 109 10.30 14.01 3.81
C SER A 109 9.60 15.30 4.26
N ASN A 110 9.25 16.15 3.29
CA ASN A 110 8.48 17.38 3.52
C ASN A 110 7.20 17.06 4.28
N ALA A 111 6.48 16.03 3.84
CA ALA A 111 5.24 15.66 4.54
C ALA A 111 5.54 15.19 5.98
N ALA A 112 6.58 14.37 6.15
CA ALA A 112 6.89 13.88 7.51
C ALA A 112 7.24 15.07 8.43
N THR A 113 8.10 15.96 7.96
CA THR A 113 8.55 17.11 8.74
C THR A 113 7.37 18.01 9.13
N VAL A 114 6.42 18.20 8.21
CA VAL A 114 5.24 19.01 8.50
C VAL A 114 4.41 18.39 9.60
N LEU A 115 4.18 17.08 9.50
CA LEU A 115 3.39 16.40 10.48
C LEU A 115 4.03 16.50 11.84
N VAL A 116 5.33 16.20 11.90
CA VAL A 116 6.08 16.20 13.14
C VAL A 116 6.14 17.58 13.73
N ALA A 117 6.51 18.56 12.91
CA ALA A 117 6.57 19.93 13.38
C ALA A 117 5.20 20.45 13.87
N LEU A 118 4.13 20.27 13.09
CA LEU A 118 2.86 20.85 13.48
C LEU A 118 2.23 20.09 14.68
N ASN A 119 2.48 18.78 14.78
CA ASN A 119 2.05 18.00 15.92
C ASN A 119 2.61 18.60 17.19
N HIS A 120 3.91 18.94 17.15
CA HIS A 120 4.63 19.59 18.25
C HIS A 120 4.14 21.01 18.52
N LEU A 121 4.05 21.83 17.49
CA LEU A 121 3.72 23.24 17.67
C LEU A 121 2.26 23.48 18.09
N TRP A 122 1.31 22.73 17.52
CA TRP A 122 -0.10 22.87 17.90
C TRP A 122 -0.46 22.13 19.16
N GLN A 123 0.46 21.31 19.66
CA GLN A 123 0.29 20.55 20.89
C GLN A 123 -0.81 19.47 20.81
N CYS A 124 -0.95 18.85 19.64
CA CYS A 124 -1.98 17.82 19.45
C CYS A 124 -1.71 16.55 20.23
N GLY A 125 -0.44 16.21 20.40
CA GLY A 125 -0.04 15.00 21.11
C GLY A 125 -0.33 13.66 20.45
N LEU A 126 -0.42 13.63 19.12
CA LEU A 126 -0.53 12.35 18.41
C LEU A 126 0.77 11.59 18.57
N SER A 127 0.67 10.27 18.67
CA SER A 127 1.85 9.43 18.78
C SER A 127 2.60 9.39 17.46
N MET A 128 3.84 8.90 17.50
CA MET A 128 4.61 8.57 16.29
C MET A 128 3.94 7.51 15.41
N ASP A 129 3.26 6.55 16.05
CA ASP A 129 2.52 5.53 15.32
C ASP A 129 1.41 6.15 14.49
N GLU A 130 0.67 7.09 15.10
CA GLU A 130 -0.43 7.74 14.44
C GLU A 130 0.09 8.63 13.31
N LEU A 131 1.18 9.34 13.60
CA LEU A 131 1.76 10.22 12.59
C LEU A 131 2.29 9.42 11.41
N ALA A 132 2.92 8.27 11.68
CA ALA A 132 3.38 7.33 10.64
C ALA A 132 2.25 6.69 9.81
N GLU A 133 1.15 6.35 10.49
CA GLU A 133 -0.06 5.87 9.83
C GLU A 133 -0.62 6.87 8.83
N MET A 134 -0.98 8.05 9.34
CA MET A 134 -1.41 9.19 8.55
C MET A 134 -0.46 9.39 7.37
N GLY A 135 0.82 9.50 7.68
CA GLY A 135 1.84 9.82 6.67
C GLY A 135 1.90 8.84 5.51
N LEU A 136 1.67 7.56 5.80
CA LEU A 136 1.75 6.56 4.77
C LEU A 136 0.65 6.73 3.72
N THR A 137 -0.48 7.34 4.09
CA THR A 137 -1.50 7.73 3.11
C THR A 137 -1.04 8.82 2.15
N LEU A 138 -0.01 9.58 2.49
CA LEU A 138 0.45 10.70 1.65
C LEU A 138 1.65 10.32 0.76
N GLY A 139 2.55 9.52 1.32
CA GLY A 139 3.74 9.10 0.60
C GLY A 139 4.29 7.77 1.11
N ALA A 140 4.79 6.96 0.18
CA ALA A 140 5.30 5.62 0.46
C ALA A 140 6.38 5.59 1.56
N ASP A 141 7.18 6.66 1.62
CA ASP A 141 8.33 6.72 2.50
C ASP A 141 8.17 7.64 3.73
N VAL A 142 6.97 8.13 4.00
CA VAL A 142 6.80 9.07 5.11
C VAL A 142 7.12 8.44 6.47
N PRO A 143 6.73 7.16 6.68
CA PRO A 143 6.99 6.57 8.03
C PRO A 143 8.47 6.60 8.49
N VAL A 144 9.43 6.35 7.61
CA VAL A 144 10.82 6.38 8.07
C VAL A 144 11.20 7.78 8.54
N PHE A 145 10.72 8.77 7.82
CA PHE A 145 11.01 10.16 8.16
C PHE A 145 10.32 10.57 9.47
N VAL A 146 9.07 10.17 9.67
CA VAL A 146 8.36 10.45 10.92
C VAL A 146 9.04 9.83 12.16
N ARG A 147 9.47 8.58 12.03
CA ARG A 147 10.04 7.84 13.16
C ARG A 147 11.51 8.18 13.39
N GLY A 148 12.18 8.69 12.36
CA GLY A 148 13.43 9.37 12.55
C GLY A 148 14.73 8.59 12.72
N HIS A 149 14.71 7.29 12.40
CA HIS A 149 15.94 6.51 12.45
C HIS A 149 16.10 5.69 11.17
N ALA A 150 17.34 5.54 10.74
CA ALA A 150 17.69 4.55 9.74
C ALA A 150 16.99 3.25 10.09
N ALA A 151 16.46 2.61 9.07
CA ALA A 151 15.50 1.56 9.31
C ALA A 151 15.37 0.61 8.12
N PHE A 152 15.10 -0.63 8.47
CA PHE A 152 14.74 -1.66 7.53
C PHE A 152 13.22 -1.65 7.41
N ALA A 153 12.69 -1.48 6.21
CA ALA A 153 11.24 -1.36 6.01
C ALA A 153 10.68 -2.51 5.21
N GLU A 154 9.60 -3.10 5.73
CA GLU A 154 8.89 -4.14 5.02
C GLU A 154 7.38 -3.97 5.26
N GLY A 155 6.61 -5.05 5.24
CA GLY A 155 5.15 -4.94 5.23
C GLY A 155 4.71 -4.20 3.96
N VAL A 156 3.81 -3.23 4.12
CA VAL A 156 3.47 -2.30 3.01
C VAL A 156 4.13 -0.92 3.26
N GLY A 157 5.27 -0.94 3.94
CA GLY A 157 6.02 0.28 4.25
C GLY A 157 5.72 0.81 5.64
N GLU A 158 4.94 0.06 6.42
CA GLU A 158 4.58 0.45 7.78
C GLU A 158 5.43 -0.23 8.85
N ILE A 159 6.05 -1.36 8.50
CA ILE A 159 6.85 -2.17 9.45
C ILE A 159 8.31 -1.75 9.38
N LEU A 160 8.75 -0.97 10.39
CA LEU A 160 10.09 -0.38 10.42
C LEU A 160 10.94 -0.88 11.59
N THR A 161 12.11 -1.44 11.27
CA THR A 161 13.04 -1.87 12.31
C THR A 161 14.32 -1.01 12.30
N PRO A 162 14.64 -0.36 13.42
CA PRO A 162 15.84 0.45 13.44
C PRO A 162 17.07 -0.36 13.11
N VAL A 163 17.99 0.27 12.38
CA VAL A 163 19.23 -0.34 11.97
C VAL A 163 20.26 0.78 12.00
N ASP A 164 21.53 0.42 12.10
CA ASP A 164 22.59 1.40 12.13
C ASP A 164 23.65 1.11 11.07
N PRO A 165 23.31 1.33 9.78
CA PRO A 165 24.30 1.04 8.75
C PRO A 165 25.45 2.05 8.79
N PRO A 166 26.58 1.75 8.11
CA PRO A 166 27.74 2.65 8.09
C PRO A 166 27.37 4.05 7.60
N GLU A 167 27.78 5.06 8.35
CA GLU A 167 27.51 6.45 8.01
C GLU A 167 28.57 6.92 7.03
N LYS A 168 28.44 6.49 5.80
CA LYS A 168 29.39 6.80 4.77
C LYS A 168 29.16 8.20 4.24
N TRP A 169 30.10 8.65 3.43
CA TRP A 169 29.91 9.84 2.64
C TRP A 169 29.53 9.42 1.21
N TYR A 170 28.60 10.16 0.60
CA TYR A 170 28.05 9.83 -0.70
C TYR A 170 28.22 10.96 -1.69
N LEU A 171 28.59 10.59 -2.92
CA LEU A 171 28.48 11.46 -4.06
C LEU A 171 27.13 11.03 -4.67
N VAL A 172 26.17 11.93 -4.64
CA VAL A 172 24.84 11.67 -5.16
C VAL A 172 24.75 12.37 -6.49
N ALA A 173 24.55 11.61 -7.55
CA ALA A 173 24.46 12.14 -8.91
C ALA A 173 23.01 12.11 -9.37
N HIS A 174 22.63 13.11 -10.17
CA HIS A 174 21.27 13.19 -10.73
C HIS A 174 21.35 13.21 -12.25
N PRO A 175 21.28 12.02 -12.87
CA PRO A 175 21.25 11.97 -14.32
C PRO A 175 20.16 12.91 -14.81
N GLY A 176 20.33 13.46 -16.01
CA GLY A 176 19.46 14.50 -16.52
C GLY A 176 18.20 13.96 -17.17
N VAL A 177 17.46 13.15 -16.42
CA VAL A 177 16.28 12.50 -16.97
C VAL A 177 15.24 12.35 -15.87
N SER A 178 13.97 12.49 -16.22
CA SER A 178 12.88 12.32 -15.27
C SER A 178 12.32 10.89 -15.35
N ILE A 179 12.25 10.22 -14.21
CA ILE A 179 11.70 8.88 -14.16
C ILE A 179 10.50 8.82 -13.23
N PRO A 180 9.27 8.81 -13.78
CA PRO A 180 8.14 8.64 -12.85
C PRO A 180 8.13 7.22 -12.30
N THR A 181 7.95 7.09 -10.99
CA THR A 181 7.96 5.81 -10.32
C THR A 181 7.07 4.74 -11.00
N PRO A 182 5.83 5.10 -11.38
CA PRO A 182 4.97 4.14 -12.09
C PRO A 182 5.57 3.52 -13.35
N VAL A 183 6.39 4.27 -14.07
CA VAL A 183 7.07 3.73 -15.26
C VAL A 183 8.00 2.55 -14.92
N ILE A 184 8.68 2.63 -13.78
CA ILE A 184 9.54 1.51 -13.36
C ILE A 184 8.69 0.33 -12.87
N PHE A 185 7.68 0.64 -12.07
CA PHE A 185 6.87 -0.39 -11.43
C PHE A 185 5.97 -1.15 -12.43
N LYS A 186 5.65 -0.53 -13.56
CA LYS A 186 4.79 -1.19 -14.55
C LYS A 186 5.62 -1.97 -15.54
N ASP A 187 6.94 -1.87 -15.46
CA ASP A 187 7.77 -2.59 -16.42
C ASP A 187 7.67 -4.10 -16.24
N PRO A 188 7.44 -4.83 -17.36
CA PRO A 188 7.37 -6.29 -17.29
C PRO A 188 8.62 -6.99 -16.85
N GLU A 189 9.79 -6.41 -17.10
CA GLU A 189 11.03 -7.12 -16.73
C GLU A 189 11.55 -6.77 -15.32
N LEU A 190 10.82 -5.95 -14.56
CA LEU A 190 11.20 -5.65 -13.18
C LEU A 190 11.21 -6.93 -12.33
N PRO A 191 12.29 -7.17 -11.56
CA PRO A 191 12.20 -8.31 -10.62
C PRO A 191 11.07 -8.13 -9.60
N ARG A 192 10.24 -9.15 -9.39
CA ARG A 192 9.14 -9.10 -8.40
C ARG A 192 9.04 -10.40 -7.61
N ASN A 193 10.17 -11.09 -7.49
CA ASN A 193 10.18 -12.43 -6.95
C ASN A 193 11.43 -12.64 -6.11
N THR A 194 12.02 -11.56 -5.60
CA THR A 194 13.17 -11.68 -4.72
C THR A 194 12.69 -12.31 -3.41
N PRO A 195 13.40 -13.35 -2.95
CA PRO A 195 12.98 -14.01 -1.71
C PRO A 195 13.00 -13.11 -0.49
N LYS A 196 11.87 -13.09 0.22
CA LYS A 196 11.75 -12.33 1.44
C LYS A 196 12.68 -12.97 2.45
N ARG A 197 13.67 -12.20 2.90
CA ARG A 197 14.69 -12.70 3.82
C ARG A 197 14.72 -11.89 5.13
N SER A 198 15.43 -12.45 6.13
CA SER A 198 15.54 -11.82 7.43
C SER A 198 16.50 -10.64 7.36
N ILE A 199 16.35 -9.70 8.28
CA ILE A 199 17.22 -8.54 8.36
C ILE A 199 18.69 -8.93 8.54
N GLU A 200 18.93 -9.97 9.34
CA GLU A 200 20.29 -10.44 9.55
C GLU A 200 20.93 -10.94 8.27
N THR A 201 20.16 -11.70 7.48
CA THR A 201 20.60 -12.13 6.18
C THR A 201 20.95 -10.91 5.34
N LEU A 202 20.02 -9.97 5.26
CA LEU A 202 20.16 -8.84 4.36
C LEU A 202 21.39 -8.00 4.72
N LEU A 203 21.53 -7.66 6.00
CA LEU A 203 22.65 -6.82 6.43
C LEU A 203 23.99 -7.40 6.09
N LYS A 204 24.12 -8.73 6.03
CA LYS A 204 25.39 -9.35 5.67
C LYS A 204 25.46 -9.86 4.23
N CYS A 205 24.62 -9.33 3.34
CA CYS A 205 24.72 -9.65 1.91
C CYS A 205 25.27 -8.48 1.08
N GLU A 206 25.55 -8.72 -0.19
CA GLU A 206 25.83 -7.63 -1.10
C GLU A 206 24.55 -6.76 -1.20
N PHE A 207 24.70 -5.44 -1.11
CA PHE A 207 23.54 -4.53 -1.23
C PHE A 207 23.24 -4.30 -2.70
N SER A 208 21.97 -4.35 -3.07
CA SER A 208 21.57 -3.95 -4.41
C SER A 208 20.14 -3.39 -4.46
N ASN A 209 19.79 -2.80 -5.60
CA ASN A 209 18.47 -2.22 -5.81
C ASN A 209 17.82 -2.89 -7.04
N ASP A 210 16.73 -3.63 -6.80
CA ASP A 210 16.07 -4.40 -7.85
C ASP A 210 15.59 -3.55 -9.03
N CYS A 211 15.32 -2.26 -8.78
CA CYS A 211 14.93 -1.33 -9.86
C CYS A 211 16.06 -0.88 -10.78
N GLU A 212 17.31 -1.04 -10.35
CA GLU A 212 18.44 -0.53 -11.11
C GLU A 212 18.53 -1.11 -12.54
N VAL A 213 18.41 -2.42 -12.70
CA VAL A 213 18.58 -3.01 -14.03
CA VAL A 213 18.55 -3.04 -14.02
C VAL A 213 17.59 -2.42 -15.03
N ILE A 214 16.36 -2.16 -14.60
CA ILE A 214 15.37 -1.53 -15.47
C ILE A 214 15.69 -0.07 -15.79
N ALA A 215 15.97 0.72 -14.75
CA ALA A 215 16.33 2.13 -14.92
C ALA A 215 17.53 2.33 -15.84
N ARG A 216 18.54 1.48 -15.66
CA ARG A 216 19.75 1.52 -16.49
C ARG A 216 19.43 1.31 -17.97
N LYS A 217 18.65 0.27 -18.24
CA LYS A 217 18.35 -0.12 -19.61
C LYS A 217 17.38 0.84 -20.31
N ARG A 218 16.34 1.30 -19.62
CA ARG A 218 15.36 2.22 -20.23
C ARG A 218 15.88 3.65 -20.41
N PHE A 219 16.76 4.08 -19.51
CA PHE A 219 17.21 5.47 -19.49
C PHE A 219 18.73 5.50 -19.43
N ARG A 220 19.35 5.52 -20.60
CA ARG A 220 20.79 5.36 -20.66
C ARG A 220 21.61 6.52 -20.05
N GLU A 221 20.96 7.65 -19.78
CA GLU A 221 21.58 8.69 -18.96
C GLU A 221 21.92 8.15 -17.56
N VAL A 222 21.01 7.32 -17.01
CA VAL A 222 21.27 6.59 -15.77
C VAL A 222 22.42 5.62 -15.96
N ASP A 223 22.40 4.88 -17.07
CA ASP A 223 23.49 3.96 -17.40
C ASP A 223 24.82 4.71 -17.51
N ALA A 224 24.79 5.92 -18.04
CA ALA A 224 26.01 6.72 -18.18
C ALA A 224 26.57 7.05 -16.78
N VAL A 225 25.72 7.61 -15.93
CA VAL A 225 26.16 8.04 -14.61
C VAL A 225 26.70 6.85 -13.80
N LEU A 226 25.95 5.76 -13.77
CA LEU A 226 26.38 4.57 -13.06
C LEU A 226 27.74 4.06 -13.52
N SER A 227 27.93 3.96 -14.84
CA SER A 227 29.19 3.46 -15.44
C SER A 227 30.37 4.32 -15.06
N TRP A 228 30.18 5.64 -15.09
CA TRP A 228 31.24 6.58 -14.74
C TRP A 228 31.64 6.42 -13.27
N LEU A 229 30.63 6.29 -12.41
CA LEU A 229 30.86 6.26 -10.97
C LEU A 229 31.45 4.91 -10.52
N LEU A 230 30.98 3.82 -11.13
CA LEU A 230 31.49 2.51 -10.79
C LEU A 230 33.00 2.35 -11.03
N GLU A 231 33.61 3.21 -11.85
CA GLU A 231 35.07 3.20 -11.95
C GLU A 231 35.77 3.66 -10.65
N TYR A 232 35.05 4.38 -9.77
CA TYR A 232 35.63 4.91 -8.53
C TYR A 232 35.16 4.27 -7.22
N ALA A 233 33.95 3.70 -7.20
CA ALA A 233 33.40 3.26 -5.93
C ALA A 233 32.12 2.45 -6.14
N PRO A 234 31.73 1.65 -5.16
CA PRO A 234 30.43 1.01 -5.29
C PRO A 234 29.33 2.04 -5.48
N SER A 235 28.47 1.81 -6.48
CA SER A 235 27.45 2.78 -6.91
C SER A 235 26.14 2.07 -7.26
N ARG A 236 25.01 2.68 -6.90
CA ARG A 236 23.70 2.10 -7.10
C ARG A 236 22.64 3.18 -7.27
N LEU A 237 21.55 2.78 -7.89
CA LEU A 237 20.32 3.55 -7.91
C LEU A 237 19.74 3.70 -6.53
N THR A 238 19.12 4.86 -6.28
CA THR A 238 18.31 5.04 -5.09
C THR A 238 16.84 5.16 -5.52
N GLY A 239 15.94 4.64 -4.71
CA GLY A 239 14.51 4.63 -5.03
C GLY A 239 14.32 3.93 -6.38
N THR A 240 13.45 4.50 -7.19
CA THR A 240 13.28 4.08 -8.58
C THR A 240 14.03 5.06 -9.53
N GLY A 241 15.03 5.78 -9.02
CA GLY A 241 15.82 6.69 -9.85
C GLY A 241 15.20 8.07 -9.99
N ALA A 242 15.82 8.95 -10.77
CA ALA A 242 17.04 8.66 -11.54
C ALA A 242 18.35 8.74 -10.74
N CYS A 243 18.33 9.31 -9.53
CA CYS A 243 19.58 9.50 -8.77
C CYS A 243 20.35 8.19 -8.51
N VAL A 244 21.67 8.33 -8.51
CA VAL A 244 22.60 7.24 -8.27
C VAL A 244 23.56 7.72 -7.19
N PHE A 245 23.97 6.84 -6.29
CA PHE A 245 24.93 7.25 -5.28
C PHE A 245 26.16 6.34 -5.24
N ALA A 246 27.31 6.96 -4.97
CA ALA A 246 28.59 6.29 -4.83
C ALA A 246 29.09 6.49 -3.41
N GLU A 247 29.60 5.43 -2.80
CA GLU A 247 29.91 5.49 -1.39
C GLU A 247 31.40 5.63 -1.13
N PHE A 248 31.72 6.36 -0.07
CA PHE A 248 33.10 6.66 0.25
C PHE A 248 33.25 6.71 1.74
N ASP A 249 34.45 6.42 2.20
CA ASP A 249 34.72 6.45 3.64
C ASP A 249 34.88 7.87 4.19
N THR A 250 35.31 8.81 3.35
CA THR A 250 35.63 10.16 3.81
C THR A 250 35.06 11.22 2.86
N GLU A 251 34.87 12.42 3.40
CA GLU A 251 34.40 13.56 2.59
C GLU A 251 35.42 13.91 1.52
N SER A 252 36.69 13.90 1.90
CA SER A 252 37.78 14.22 1.00
C SER A 252 37.78 13.34 -0.25
N GLU A 253 37.68 12.04 -0.08
CA GLU A 253 37.69 11.16 -1.24
C GLU A 253 36.45 11.38 -2.11
N ALA A 254 35.28 11.49 -1.49
CA ALA A 254 34.03 11.78 -2.25
C ALA A 254 34.13 13.08 -3.06
N ARG A 255 34.69 14.14 -2.47
CA ARG A 255 34.79 15.43 -3.17
C ARG A 255 35.92 15.45 -4.20
N GLN A 256 36.92 14.62 -3.98
CA GLN A 256 37.96 14.35 -4.95
C GLN A 256 37.35 13.77 -6.24
N VAL A 257 36.45 12.82 -6.11
CA VAL A 257 35.78 12.23 -7.29
C VAL A 257 34.79 13.25 -7.91
N LEU A 258 34.11 14.02 -7.05
CA LEU A 258 33.21 15.05 -7.53
C LEU A 258 33.95 16.06 -8.39
N GLU A 259 35.14 16.45 -7.93
CA GLU A 259 35.98 17.40 -8.67
C GLU A 259 36.31 16.94 -10.09
N GLN A 260 36.52 15.65 -10.25
CA GLN A 260 36.84 15.07 -11.56
C GLN A 260 35.58 14.92 -12.44
N ALA A 261 34.40 14.93 -11.82
CA ALA A 261 33.17 14.55 -12.52
C ALA A 261 32.81 15.48 -13.67
N PRO A 262 32.30 14.91 -14.78
CA PRO A 262 31.67 15.74 -15.81
C PRO A 262 30.44 16.46 -15.28
N GLU A 263 30.11 17.59 -15.90
CA GLU A 263 28.94 18.40 -15.55
C GLU A 263 27.62 17.61 -15.59
N TRP A 264 27.50 16.68 -16.53
CA TRP A 264 26.28 15.91 -16.69
C TRP A 264 26.00 14.90 -15.56
N LEU A 265 26.92 14.79 -14.60
CA LEU A 265 26.62 14.02 -13.38
C LEU A 265 25.69 14.79 -12.43
N ASN A 266 25.65 16.12 -12.55
CA ASN A 266 24.85 16.94 -11.65
C ASN A 266 24.92 16.42 -10.22
N GLY A 267 26.14 16.37 -9.68
CA GLY A 267 26.40 15.72 -8.40
C GLY A 267 26.59 16.63 -7.20
N PHE A 268 26.32 16.08 -6.01
CA PHE A 268 26.70 16.72 -4.76
C PHE A 268 27.20 15.67 -3.78
N VAL A 269 27.80 16.13 -2.70
CA VAL A 269 28.31 15.22 -1.69
C VAL A 269 27.62 15.44 -0.35
N ALA A 270 27.19 14.35 0.28
CA ALA A 270 26.56 14.43 1.60
C ALA A 270 26.86 13.19 2.41
N LYS A 271 26.84 13.34 3.73
CA LYS A 271 27.08 12.25 4.64
C LYS A 271 25.79 11.57 5.06
N GLY A 272 25.84 10.25 5.14
CA GLY A 272 24.74 9.48 5.65
C GLY A 272 24.70 9.58 7.15
N VAL A 273 23.50 9.76 7.69
CA VAL A 273 23.34 9.85 9.11
C VAL A 273 22.17 8.96 9.47
N ASN A 274 22.29 8.24 10.58
CA ASN A 274 21.29 7.29 11.05
C ASN A 274 20.19 7.88 11.95
N LEU A 275 20.50 8.98 12.63
CA LEU A 275 19.48 9.80 13.28
C LEU A 275 19.09 10.93 12.29
N SER A 276 17.80 11.07 12.01
CA SER A 276 17.33 12.12 11.09
C SER A 276 17.71 13.49 11.62
N PRO A 277 18.16 14.40 10.74
CA PRO A 277 18.36 15.80 11.15
C PRO A 277 17.13 16.48 11.76
N LEU A 278 15.93 16.02 11.39
CA LEU A 278 14.69 16.50 12.01
C LEU A 278 14.71 16.14 13.50
N HIS A 279 14.92 14.86 13.79
CA HIS A 279 14.85 14.42 15.16
C HIS A 279 16.04 14.97 15.97
N ARG A 280 17.18 15.17 15.32
CA ARG A 280 18.36 15.73 15.99
C ARG A 280 18.12 17.18 16.44
N ALA A 281 17.42 17.97 15.62
CA ALA A 281 17.13 19.34 15.95
C ALA A 281 16.17 19.43 17.13
N MET A 282 15.34 18.39 17.30
CA MET A 282 14.34 18.35 18.36
C MET A 282 14.86 17.83 19.71
N LEU A 283 16.12 17.42 19.75
CA LEU A 283 16.71 16.89 20.97
C LEU A 283 16.79 17.97 22.04
N MET B 1 -6.44 -35.43 11.01
CA MET B 1 -7.88 -35.28 10.66
C MET B 1 -8.11 -34.09 9.70
N ARG B 2 -9.30 -34.04 9.12
CA ARG B 2 -9.66 -33.07 8.10
C ARG B 2 -10.60 -32.00 8.67
N THR B 3 -10.30 -30.73 8.38
CA THR B 3 -11.17 -29.62 8.74
C THR B 3 -11.55 -28.78 7.52
N GLN B 4 -12.76 -28.21 7.58
CA GLN B 4 -13.29 -27.41 6.51
C GLN B 4 -13.44 -25.96 6.95
N TRP B 5 -13.15 -25.02 6.05
CA TRP B 5 -13.03 -23.60 6.41
C TRP B 5 -13.62 -22.72 5.33
N PRO B 6 -14.62 -21.91 5.67
CA PRO B 6 -15.21 -21.08 4.63
C PRO B 6 -14.29 -19.95 4.19
N SER B 7 -14.44 -19.58 2.93
CA SER B 7 -13.74 -18.48 2.34
C SER B 7 -14.76 -17.65 1.58
N PRO B 8 -15.50 -16.76 2.27
CA PRO B 8 -16.63 -16.08 1.65
C PRO B 8 -16.20 -14.99 0.66
N ALA B 9 -17.12 -14.64 -0.22
CA ALA B 9 -16.99 -13.43 -1.05
C ALA B 9 -17.23 -12.18 -0.22
N LYS B 10 -16.83 -11.04 -0.79
CA LYS B 10 -17.20 -9.75 -0.27
C LYS B 10 -17.81 -8.92 -1.39
N LEU B 11 -18.56 -7.91 -0.97
CA LEU B 11 -18.94 -6.79 -1.81
C LEU B 11 -18.37 -5.52 -1.17
N ASN B 12 -17.94 -4.57 -2.01
CA ASN B 12 -17.70 -3.21 -1.58
C ASN B 12 -19.02 -2.44 -1.68
N LEU B 13 -19.67 -2.17 -0.56
CA LEU B 13 -20.98 -1.52 -0.61
C LEU B 13 -20.81 -0.06 -1.05
N PHE B 14 -19.70 0.55 -0.67
CA PHE B 14 -19.24 1.78 -1.29
C PHE B 14 -17.71 1.78 -1.46
N LEU B 15 -17.22 2.58 -2.41
CA LEU B 15 -15.77 2.67 -2.72
C LEU B 15 -15.42 4.07 -3.28
N TYR B 16 -14.71 4.86 -2.47
CA TYR B 16 -14.31 6.22 -2.77
C TYR B 16 -12.80 6.29 -2.83
N ILE B 17 -12.30 6.88 -3.92
CA ILE B 17 -10.88 7.05 -4.14
C ILE B 17 -10.49 8.46 -3.68
N THR B 18 -9.72 8.55 -2.59
CA THR B 18 -9.44 9.82 -1.95
C THR B 18 -8.16 10.49 -2.45
N GLY B 19 -7.22 9.71 -2.97
CA GLY B 19 -5.94 10.24 -3.45
C GLY B 19 -5.07 9.18 -4.10
N GLN B 20 -3.95 9.61 -4.70
CA GLN B 20 -2.94 8.71 -5.27
C GLN B 20 -1.56 9.24 -4.89
N ARG B 21 -0.74 8.38 -4.30
CA ARG B 21 0.59 8.79 -3.87
C ARG B 21 1.51 8.83 -5.09
N ALA B 22 2.73 9.32 -4.91
CA ALA B 22 3.68 9.42 -6.03
C ALA B 22 4.07 8.06 -6.60
N ASP B 23 4.08 7.01 -5.78
CA ASP B 23 4.41 5.66 -6.27
C ASP B 23 3.25 5.01 -7.04
N GLY B 24 2.10 5.66 -7.04
CA GLY B 24 0.99 5.19 -7.85
C GLY B 24 -0.12 4.55 -7.06
N TYR B 25 0.12 4.33 -5.75
CA TYR B 25 -0.89 3.67 -4.92
CA TYR B 25 -0.87 3.67 -4.92
C TYR B 25 -2.04 4.59 -4.58
N HIS B 26 -3.26 4.10 -4.76
CA HIS B 26 -4.48 4.85 -4.46
C HIS B 26 -5.01 4.63 -3.05
N THR B 27 -5.27 5.71 -2.32
CA THR B 27 -5.92 5.60 -1.03
C THR B 27 -7.42 5.57 -1.23
N LEU B 28 -8.10 4.78 -0.41
CA LEU B 28 -9.52 4.54 -0.55
C LEU B 28 -10.28 4.61 0.78
N GLN B 29 -11.54 4.95 0.67
CA GLN B 29 -12.46 4.81 1.78
C GLN B 29 -13.50 3.83 1.25
N THR B 30 -13.63 2.66 1.86
CA THR B 30 -14.55 1.67 1.31
C THR B 30 -15.18 0.82 2.39
N LEU B 31 -16.40 0.37 2.11
CA LEU B 31 -17.20 -0.40 3.05
C LEU B 31 -17.37 -1.82 2.54
N PHE B 32 -16.94 -2.78 3.35
CA PHE B 32 -16.96 -4.19 3.01
C PHE B 32 -18.10 -4.87 3.75
N GLN B 33 -18.83 -5.71 3.03
CA GLN B 33 -19.72 -6.71 3.65
C GLN B 33 -19.48 -8.10 3.04
N PHE B 34 -19.63 -9.15 3.84
CA PHE B 34 -19.42 -10.49 3.31
C PHE B 34 -20.66 -11.01 2.61
N LEU B 35 -20.47 -11.98 1.72
CA LEU B 35 -21.57 -12.79 1.23
C LEU B 35 -21.59 -14.13 1.98
N ASP B 36 -22.78 -14.67 2.17
CA ASP B 36 -22.92 -16.01 2.74
C ASP B 36 -22.85 -17.01 1.58
N TYR B 37 -21.70 -17.00 0.92
CA TYR B 37 -21.50 -17.72 -0.31
C TYR B 37 -20.02 -17.63 -0.63
N GLY B 38 -19.39 -18.75 -0.96
CA GLY B 38 -18.02 -18.68 -1.43
C GLY B 38 -17.30 -20.01 -1.59
N ASP B 39 -15.98 -19.96 -1.36
CA ASP B 39 -15.11 -21.13 -1.50
C ASP B 39 -15.07 -21.89 -0.20
N THR B 40 -14.68 -23.15 -0.28
CA THR B 40 -14.50 -23.96 0.93
C THR B 40 -13.12 -24.58 0.89
N ILE B 41 -12.37 -24.41 1.96
CA ILE B 41 -11.00 -24.84 2.02
C ILE B 41 -10.87 -25.95 3.03
N SER B 42 -10.34 -27.09 2.59
CA SER B 42 -10.18 -28.25 3.43
C SER B 42 -8.71 -28.45 3.72
N ILE B 43 -8.39 -28.74 4.97
CA ILE B 43 -7.00 -28.86 5.38
C ILE B 43 -6.79 -30.16 6.15
N GLU B 44 -5.68 -30.79 5.85
CA GLU B 44 -5.26 -31.96 6.58
C GLU B 44 -3.82 -31.69 6.97
N LEU B 45 -3.54 -31.78 8.26
CA LEU B 45 -2.23 -31.47 8.78
C LEU B 45 -1.20 -32.52 8.39
N ARG B 46 0.03 -32.06 8.30
CA ARG B 46 1.15 -32.92 7.97
C ARG B 46 2.14 -32.69 9.07
N ASP B 47 3.03 -33.65 9.29
CA ASP B 47 4.03 -33.48 10.33
C ASP B 47 5.45 -33.61 9.77
N ASP B 48 5.56 -33.42 8.46
CA ASP B 48 6.87 -33.45 7.79
C ASP B 48 7.28 -32.11 7.18
N GLY B 49 6.60 -31.02 7.53
CA GLY B 49 7.02 -29.68 7.12
C GLY B 49 6.61 -29.24 5.71
N ASP B 50 5.88 -30.10 5.01
CA ASP B 50 5.54 -29.84 3.63
C ASP B 50 4.21 -29.06 3.56
N ILE B 51 4.05 -28.23 2.52
CA ILE B 51 2.77 -27.61 2.15
C ILE B 51 2.38 -28.05 0.74
N ARG B 52 1.18 -28.63 0.61
CA ARG B 52 0.67 -29.04 -0.71
C ARG B 52 -0.71 -28.47 -0.98
N LEU B 53 -0.90 -27.84 -2.14
CA LEU B 53 -2.21 -27.49 -2.63
C LEU B 53 -2.60 -28.60 -3.61
N LEU B 54 -3.57 -29.42 -3.23
CA LEU B 54 -3.94 -30.61 -4.00
C LEU B 54 -4.89 -30.31 -5.17
N THR B 55 -5.49 -29.13 -5.16
CA THR B 55 -6.42 -28.69 -6.20
C THR B 55 -5.90 -27.48 -6.96
N PRO B 56 -5.39 -27.70 -8.18
CA PRO B 56 -4.98 -26.55 -8.99
C PRO B 56 -6.11 -25.56 -9.15
N VAL B 57 -5.79 -24.27 -9.18
CA VAL B 57 -6.79 -23.29 -9.56
C VAL B 57 -6.46 -22.84 -10.98
N GLU B 58 -7.48 -22.90 -11.83
CA GLU B 58 -7.33 -22.65 -13.26
C GLU B 58 -6.54 -21.38 -13.55
N GLY B 59 -5.39 -21.58 -14.20
CA GLY B 59 -4.57 -20.50 -14.68
C GLY B 59 -3.64 -19.87 -13.66
N VAL B 60 -3.40 -20.55 -12.52
CA VAL B 60 -2.39 -20.10 -11.56
C VAL B 60 -1.51 -21.27 -11.13
N GLU B 61 -0.21 -21.17 -11.34
CA GLU B 61 0.74 -22.21 -10.91
C GLU B 61 0.83 -22.29 -9.38
N HIS B 62 1.27 -23.44 -8.89
CA HIS B 62 1.25 -23.82 -7.48
C HIS B 62 1.86 -22.74 -6.58
N GLU B 63 3.05 -22.30 -6.91
CA GLU B 63 3.76 -21.38 -6.03
C GLU B 63 3.28 -19.94 -6.13
N ASP B 64 2.49 -19.62 -7.15
CA ASP B 64 1.89 -18.28 -7.28
C ASP B 64 0.52 -18.24 -6.66
N ASN B 65 -0.01 -19.41 -6.33
CA ASN B 65 -1.31 -19.46 -5.72
C ASN B 65 -1.29 -18.76 -4.36
N LEU B 66 -2.23 -17.85 -4.15
CA LEU B 66 -2.33 -17.15 -2.88
C LEU B 66 -2.47 -18.11 -1.70
N ILE B 67 -2.98 -19.31 -1.93
CA ILE B 67 -3.17 -20.28 -0.86
C ILE B 67 -1.80 -20.74 -0.42
N VAL B 68 -0.96 -21.08 -1.39
CA VAL B 68 0.37 -21.54 -1.08
C VAL B 68 1.20 -20.37 -0.56
N ARG B 69 1.06 -19.20 -1.18
CA ARG B 69 1.86 -18.04 -0.76
C ARG B 69 1.58 -17.68 0.70
N ALA B 70 0.31 -17.75 1.07
CA ALA B 70 -0.13 -17.43 2.43
C ALA B 70 0.43 -18.43 3.44
N ALA B 71 0.34 -19.72 3.11
CA ALA B 71 0.84 -20.77 4.01
C ALA B 71 2.36 -20.68 4.23
N ARG B 72 3.11 -20.48 3.15
CA ARG B 72 4.56 -20.31 3.23
C ARG B 72 4.99 -19.03 3.98
N LEU B 73 4.27 -17.93 3.78
CA LEU B 73 4.54 -16.70 4.55
C LEU B 73 4.27 -16.90 6.05
N LEU B 74 3.18 -17.57 6.37
CA LEU B 74 2.88 -17.84 7.77
C LEU B 74 3.99 -18.70 8.38
N MET B 75 4.35 -19.75 7.65
CA MET B 75 5.38 -20.68 8.09
C MET B 75 6.67 -19.91 8.39
N LYS B 76 7.10 -19.10 7.42
CA LYS B 76 8.37 -18.37 7.51
C LYS B 76 8.37 -17.33 8.64
N THR B 77 7.25 -16.63 8.79
CA THR B 77 7.11 -15.60 9.82
C THR B 77 7.14 -16.21 11.21
N ALA B 78 6.36 -17.26 11.42
CA ALA B 78 6.37 -18.00 12.67
C ALA B 78 7.76 -18.52 13.01
N ALA B 79 8.39 -19.20 12.05
CA ALA B 79 9.67 -19.86 12.27
C ALA B 79 10.72 -18.85 12.72
N ASP B 80 10.65 -17.63 12.17
CA ASP B 80 11.63 -16.60 12.47
C ASP B 80 11.49 -15.98 13.88
N SER B 81 10.44 -16.35 14.60
CA SER B 81 10.29 -15.95 15.99
C SER B 81 10.05 -17.17 16.89
N GLY B 82 10.42 -18.35 16.38
CA GLY B 82 10.23 -19.60 17.12
C GLY B 82 8.79 -19.97 17.45
N ARG B 83 7.86 -19.59 16.57
CA ARG B 83 6.43 -19.83 16.79
C ARG B 83 5.87 -20.99 15.95
N LEU B 84 6.75 -21.80 15.39
CA LEU B 84 6.35 -22.87 14.46
C LEU B 84 6.82 -24.25 14.94
N PRO B 85 5.91 -25.03 15.55
CA PRO B 85 6.25 -26.39 15.99
C PRO B 85 6.88 -27.23 14.87
N THR B 86 7.94 -27.98 15.18
CA THR B 86 8.63 -28.76 14.14
C THR B 86 7.66 -29.72 13.48
N GLY B 87 7.86 -29.96 12.18
CA GLY B 87 6.95 -30.78 11.38
C GLY B 87 5.73 -30.05 10.82
N SER B 88 5.42 -28.86 11.33
CA SER B 88 4.24 -28.14 10.86
C SER B 88 4.13 -28.09 9.33
N GLY B 89 3.08 -28.71 8.79
CA GLY B 89 2.84 -28.74 7.34
C GLY B 89 1.34 -28.96 7.07
N ALA B 90 0.95 -28.95 5.80
CA ALA B 90 -0.46 -29.16 5.49
C ALA B 90 -0.73 -29.51 4.04
N ASN B 91 -1.74 -30.37 3.86
CA ASN B 91 -2.38 -30.62 2.60
C ASN B 91 -3.57 -29.68 2.57
N ILE B 92 -3.75 -28.98 1.45
CA ILE B 92 -4.78 -27.98 1.36
C ILE B 92 -5.54 -28.21 0.08
N SER B 93 -6.87 -28.21 0.17
CA SER B 93 -7.72 -28.38 -1.00
C SER B 93 -8.79 -27.30 -1.01
N ILE B 94 -9.10 -26.76 -2.18
CA ILE B 94 -10.12 -25.75 -2.27
C ILE B 94 -11.25 -26.18 -3.21
N ASP B 95 -12.45 -26.11 -2.70
CA ASP B 95 -13.66 -26.19 -3.51
C ASP B 95 -13.92 -24.76 -3.98
N LYS B 96 -13.57 -24.50 -5.22
CA LYS B 96 -13.51 -23.16 -5.73
C LYS B 96 -14.78 -22.80 -6.51
N ARG B 97 -15.58 -21.90 -5.96
CA ARG B 97 -16.83 -21.43 -6.60
C ARG B 97 -16.79 -19.97 -7.04
N LEU B 98 -15.94 -19.17 -6.44
CA LEU B 98 -15.88 -17.75 -6.73
C LEU B 98 -15.14 -17.51 -8.04
N PRO B 99 -15.64 -16.59 -8.86
CA PRO B 99 -14.96 -16.35 -10.12
C PRO B 99 -13.56 -15.88 -9.84
N MET B 100 -12.70 -15.90 -10.86
CA MET B 100 -11.39 -15.32 -10.71
C MET B 100 -11.56 -13.84 -11.03
N GLY B 101 -11.27 -12.99 -10.05
CA GLY B 101 -11.41 -11.55 -10.23
C GLY B 101 -12.77 -11.03 -9.77
N GLY B 102 -13.42 -10.30 -10.68
CA GLY B 102 -14.79 -9.87 -10.51
C GLY B 102 -15.05 -8.80 -9.48
N GLY B 103 -14.15 -8.62 -8.51
CA GLY B 103 -14.37 -7.68 -7.42
C GLY B 103 -15.09 -8.32 -6.24
N LEU B 104 -15.18 -9.66 -6.25
CA LEU B 104 -15.71 -10.40 -5.11
C LEU B 104 -14.65 -10.76 -4.08
N GLY B 105 -13.38 -10.57 -4.44
CA GLY B 105 -12.27 -10.76 -3.51
C GLY B 105 -11.92 -12.19 -3.14
N GLY B 106 -12.16 -13.12 -4.05
CA GLY B 106 -11.93 -14.53 -3.76
C GLY B 106 -10.50 -14.86 -3.37
N GLY B 107 -9.53 -14.27 -4.07
CA GLY B 107 -8.12 -14.51 -3.79
C GLY B 107 -7.71 -14.06 -2.40
N SER B 108 -8.06 -12.82 -2.04
CA SER B 108 -7.83 -12.32 -0.70
C SER B 108 -8.54 -13.18 0.35
N SER B 109 -9.78 -13.60 0.06
CA SER B 109 -10.52 -14.41 1.01
C SER B 109 -9.77 -15.70 1.27
N ASN B 110 -9.36 -16.38 0.19
CA ASN B 110 -8.58 -17.61 0.25
C ASN B 110 -7.33 -17.44 1.12
N ALA B 111 -6.61 -16.34 0.94
CA ALA B 111 -5.40 -16.13 1.71
C ALA B 111 -5.77 -15.87 3.19
N ALA B 112 -6.79 -15.06 3.44
CA ALA B 112 -7.22 -14.77 4.83
C ALA B 112 -7.58 -16.07 5.54
N THR B 113 -8.45 -16.85 4.90
CA THR B 113 -8.88 -18.14 5.44
C THR B 113 -7.72 -19.10 5.72
N VAL B 114 -6.74 -19.14 4.82
CA VAL B 114 -5.57 -19.99 5.03
C VAL B 114 -4.70 -19.56 6.23
N LEU B 115 -4.44 -18.27 6.35
CA LEU B 115 -3.69 -17.73 7.47
C LEU B 115 -4.36 -18.00 8.81
N VAL B 116 -5.68 -17.78 8.87
CA VAL B 116 -6.46 -17.94 10.08
C VAL B 116 -6.55 -19.41 10.43
N ALA B 117 -6.87 -20.24 9.45
CA ALA B 117 -6.96 -21.67 9.66
C ALA B 117 -5.62 -22.29 10.11
N LEU B 118 -4.54 -21.96 9.40
CA LEU B 118 -3.26 -22.62 9.70
C LEU B 118 -2.65 -22.10 11.02
N ASN B 119 -2.83 -20.81 11.29
CA ASN B 119 -2.43 -20.20 12.56
C ASN B 119 -3.02 -20.99 13.72
N HIS B 120 -4.30 -21.34 13.56
CA HIS B 120 -5.06 -22.08 14.56
C HIS B 120 -4.63 -23.55 14.66
N LEU B 121 -4.54 -24.24 13.53
CA LEU B 121 -4.22 -25.66 13.55
C LEU B 121 -2.75 -25.94 13.93
N TRP B 122 -1.84 -25.09 13.48
CA TRP B 122 -0.43 -25.24 13.85
C TRP B 122 -0.12 -24.67 15.23
N GLN B 123 -1.09 -23.98 15.81
CA GLN B 123 -0.93 -23.26 17.07
C GLN B 123 0.27 -22.32 17.07
N CYS B 124 0.39 -21.49 16.02
CA CYS B 124 1.43 -20.46 15.99
C CYS B 124 1.16 -19.31 16.97
N GLY B 125 -0.10 -19.11 17.30
CA GLY B 125 -0.47 -18.14 18.33
C GLY B 125 -0.34 -16.68 17.94
N LEU B 126 -0.27 -16.41 16.65
CA LEU B 126 -0.22 -15.02 16.16
C LEU B 126 -1.54 -14.31 16.45
N SER B 127 -1.45 -13.02 16.78
CA SER B 127 -2.64 -12.21 16.97
C SER B 127 -3.38 -11.99 15.65
N MET B 128 -4.61 -11.53 15.73
CA MET B 128 -5.35 -11.10 14.55
C MET B 128 -4.68 -9.86 13.90
N ASP B 129 -4.14 -8.98 14.73
CA ASP B 129 -3.36 -7.84 14.22
C ASP B 129 -2.19 -8.32 13.39
N GLU B 130 -1.47 -9.31 13.89
CA GLU B 130 -0.31 -9.84 13.19
C GLU B 130 -0.68 -10.55 11.91
N LEU B 131 -1.79 -11.30 11.95
CA LEU B 131 -2.29 -12.00 10.76
C LEU B 131 -2.78 -11.00 9.71
N ALA B 132 -3.44 -9.94 10.15
CA ALA B 132 -3.91 -8.88 9.26
C ALA B 132 -2.77 -8.08 8.62
N GLU B 133 -1.72 -7.84 9.39
CA GLU B 133 -0.52 -7.19 8.90
C GLU B 133 0.11 -7.97 7.76
N MET B 134 0.38 -9.24 8.05
CA MET B 134 0.98 -10.19 7.12
C MET B 134 0.10 -10.34 5.89
N GLY B 135 -1.21 -10.43 6.11
CA GLY B 135 -2.16 -10.64 5.03
C GLY B 135 -2.19 -9.51 4.02
N LEU B 136 -1.95 -8.30 4.50
CA LEU B 136 -1.95 -7.13 3.64
C LEU B 136 -0.82 -7.16 2.61
N THR B 137 0.27 -7.86 2.91
CA THR B 137 1.33 -8.01 1.93
C THR B 137 0.95 -8.97 0.79
N LEU B 138 -0.12 -9.75 0.95
CA LEU B 138 -0.57 -10.72 -0.06
C LEU B 138 -1.74 -10.22 -0.91
N GLY B 139 -2.66 -9.47 -0.30
CA GLY B 139 -3.80 -8.92 -1.03
C GLY B 139 -4.39 -7.71 -0.35
N ALA B 140 -4.83 -6.73 -1.13
CA ALA B 140 -5.39 -5.47 -0.60
C ALA B 140 -6.51 -5.67 0.43
N ASP B 141 -7.33 -6.71 0.24
CA ASP B 141 -8.52 -6.94 1.05
C ASP B 141 -8.37 -8.05 2.11
N VAL B 142 -7.17 -8.59 2.30
CA VAL B 142 -7.00 -9.71 3.24
C VAL B 142 -7.36 -9.34 4.70
N PRO B 143 -7.04 -8.12 5.14
CA PRO B 143 -7.32 -7.74 6.52
C PRO B 143 -8.80 -7.80 6.92
N VAL B 144 -9.70 -7.39 6.03
CA VAL B 144 -11.13 -7.45 6.37
C VAL B 144 -11.55 -8.91 6.58
N PHE B 145 -11.08 -9.80 5.71
CA PHE B 145 -11.37 -11.24 5.85
C PHE B 145 -10.75 -11.87 7.10
N VAL B 146 -9.50 -11.53 7.39
CA VAL B 146 -8.83 -12.03 8.58
C VAL B 146 -9.58 -11.59 9.85
N ARG B 147 -10.00 -10.33 9.91
CA ARG B 147 -10.60 -9.80 11.12
C ARG B 147 -12.06 -10.25 11.30
N GLY B 148 -12.75 -10.47 10.19
CA GLY B 148 -13.99 -11.22 10.22
C GLY B 148 -15.29 -10.44 10.35
N HIS B 149 -15.26 -9.13 10.31
CA HIS B 149 -16.48 -8.35 10.45
C HIS B 149 -16.65 -7.33 9.33
N ALA B 150 -17.89 -7.06 8.94
CA ALA B 150 -18.17 -5.96 8.02
C ALA B 150 -17.47 -4.72 8.59
N ALA B 151 -16.87 -3.93 7.72
CA ALA B 151 -15.87 -2.95 8.16
C ALA B 151 -15.65 -1.83 7.16
N PHE B 152 -15.42 -0.65 7.70
CA PHE B 152 -15.07 0.51 6.95
C PHE B 152 -13.56 0.53 6.90
N ALA B 153 -12.98 0.49 5.70
CA ALA B 153 -11.52 0.46 5.54
C ALA B 153 -10.97 1.79 5.01
N GLU B 154 -9.90 2.29 5.63
CA GLU B 154 -9.16 3.43 5.10
C GLU B 154 -7.67 3.25 5.40
N GLY B 155 -6.91 4.35 5.54
CA GLY B 155 -5.46 4.27 5.60
C GLY B 155 -4.97 3.72 4.27
N VAL B 156 -4.10 2.71 4.32
CA VAL B 156 -3.68 1.98 3.13
C VAL B 156 -4.33 0.59 3.12
N GLY B 157 -5.53 0.53 3.69
CA GLY B 157 -6.28 -0.71 3.82
C GLY B 157 -6.07 -1.41 5.14
N GLU B 158 -5.27 -0.83 6.04
CA GLU B 158 -4.99 -1.49 7.31
C GLU B 158 -5.88 -0.98 8.45
N ILE B 159 -6.47 0.21 8.27
CA ILE B 159 -7.31 0.83 9.29
C ILE B 159 -8.74 0.36 9.07
N LEU B 160 -9.24 -0.53 9.95
CA LEU B 160 -10.57 -1.12 9.80
C LEU B 160 -11.45 -0.87 11.03
N THR B 161 -12.61 -0.26 10.80
CA THR B 161 -13.61 -0.04 11.86
C THR B 161 -14.87 -0.85 11.54
N PRO B 162 -15.27 -1.76 12.44
CA PRO B 162 -16.48 -2.51 12.17
C PRO B 162 -17.69 -1.59 12.04
N VAL B 163 -18.59 -2.01 11.16
CA VAL B 163 -19.87 -1.35 11.02
C VAL B 163 -20.83 -2.49 10.76
N ASP B 164 -22.12 -2.21 10.85
CA ASP B 164 -23.15 -3.22 10.68
C ASP B 164 -24.15 -2.79 9.60
N PRO B 165 -23.73 -2.78 8.32
CA PRO B 165 -24.67 -2.33 7.31
C PRO B 165 -25.81 -3.33 7.10
N PRO B 166 -26.89 -2.92 6.43
CA PRO B 166 -28.07 -3.77 6.19
C PRO B 166 -27.71 -5.09 5.55
N GLU B 167 -28.21 -6.17 6.13
CA GLU B 167 -27.91 -7.50 5.62
C GLU B 167 -28.93 -7.86 4.56
N LYS B 168 -28.79 -7.24 3.40
CA LYS B 168 -29.68 -7.40 2.27
C LYS B 168 -29.41 -8.72 1.53
N TRP B 169 -30.33 -9.05 0.64
CA TRP B 169 -30.09 -10.09 -0.35
C TRP B 169 -29.61 -9.46 -1.66
N TYR B 170 -28.66 -10.11 -2.31
CA TYR B 170 -28.06 -9.57 -3.53
C TYR B 170 -28.15 -10.54 -4.67
N LEU B 171 -28.47 -9.98 -5.84
CA LEU B 171 -28.30 -10.69 -7.06
C LEU B 171 -26.95 -10.19 -7.59
N VAL B 172 -25.97 -11.09 -7.56
CA VAL B 172 -24.59 -10.79 -7.96
C VAL B 172 -24.41 -11.29 -9.38
N ALA B 173 -24.19 -10.38 -10.31
CA ALA B 173 -24.03 -10.71 -11.72
C ALA B 173 -22.55 -10.60 -12.08
N HIS B 174 -22.10 -11.47 -12.96
CA HIS B 174 -20.72 -11.45 -13.44
C HIS B 174 -20.68 -11.23 -14.95
N PRO B 175 -20.58 -9.98 -15.40
CA PRO B 175 -20.50 -9.72 -16.82
C PRO B 175 -19.33 -10.49 -17.44
N GLY B 176 -19.54 -10.95 -18.67
CA GLY B 176 -18.58 -11.81 -19.37
C GLY B 176 -17.38 -11.05 -19.91
N VAL B 177 -16.58 -10.52 -19.01
CA VAL B 177 -15.37 -9.82 -19.41
C VAL B 177 -14.43 -9.78 -18.22
N SER B 178 -13.14 -9.84 -18.54
CA SER B 178 -12.09 -9.79 -17.54
C SER B 178 -11.56 -8.36 -17.39
N ILE B 179 -11.53 -7.86 -16.16
CA ILE B 179 -11.00 -6.55 -15.87
C ILE B 179 -9.89 -6.66 -14.84
N PRO B 180 -8.63 -6.71 -15.29
CA PRO B 180 -7.59 -6.73 -14.25
C PRO B 180 -7.58 -5.39 -13.48
N THR B 181 -7.42 -5.44 -12.17
CA THR B 181 -7.53 -4.24 -11.34
C THR B 181 -6.68 -3.04 -11.83
N PRO B 182 -5.41 -3.31 -12.21
CA PRO B 182 -4.57 -2.24 -12.75
C PRO B 182 -5.16 -1.52 -13.96
N VAL B 183 -5.93 -2.23 -14.78
CA VAL B 183 -6.56 -1.61 -15.94
C VAL B 183 -7.45 -0.43 -15.55
N ILE B 184 -8.20 -0.59 -14.46
CA ILE B 184 -9.06 0.49 -13.96
C ILE B 184 -8.24 1.59 -13.26
N PHE B 185 -7.27 1.16 -12.45
CA PHE B 185 -6.46 2.09 -11.65
C PHE B 185 -5.49 2.95 -12.49
N LYS B 186 -5.21 2.53 -13.73
CA LYS B 186 -4.37 3.30 -14.63
C LYS B 186 -5.17 4.29 -15.47
N ASP B 187 -6.50 4.21 -15.41
CA ASP B 187 -7.31 5.04 -16.31
C ASP B 187 -7.23 6.52 -15.96
N PRO B 188 -6.98 7.37 -16.97
CA PRO B 188 -6.86 8.80 -16.67
C PRO B 188 -8.15 9.45 -16.21
N GLU B 189 -9.31 8.90 -16.54
CA GLU B 189 -10.59 9.50 -16.11
C GLU B 189 -11.06 9.00 -14.74
N LEU B 190 -10.34 8.04 -14.16
CA LEU B 190 -10.69 7.56 -12.81
C LEU B 190 -10.75 8.73 -11.82
N PRO B 191 -11.84 8.84 -11.06
CA PRO B 191 -11.85 9.79 -9.94
C PRO B 191 -10.75 9.46 -8.92
N ARG B 192 -10.01 10.47 -8.50
CA ARG B 192 -8.92 10.28 -7.52
C ARG B 192 -8.86 11.43 -6.55
N ASN B 193 -9.99 12.07 -6.30
CA ASN B 193 -10.04 13.26 -5.48
C ASN B 193 -11.34 13.43 -4.70
N THR B 194 -11.99 12.30 -4.38
CA THR B 194 -13.19 12.29 -3.56
C THR B 194 -12.81 12.71 -2.15
N PRO B 195 -13.54 13.66 -1.56
CA PRO B 195 -13.21 14.15 -0.23
C PRO B 195 -13.24 13.06 0.84
N LYS B 196 -12.18 13.00 1.64
CA LYS B 196 -12.18 12.14 2.79
C LYS B 196 -13.30 12.59 3.73
N ARG B 197 -14.13 11.64 4.16
CA ARG B 197 -15.29 11.95 4.99
C ARG B 197 -15.44 10.92 6.10
N SER B 198 -16.22 11.28 7.12
CA SER B 198 -16.39 10.43 8.28
C SER B 198 -17.30 9.24 7.94
N ILE B 199 -17.15 8.16 8.71
CA ILE B 199 -18.02 7.00 8.57
C ILE B 199 -19.47 7.41 8.83
N GLU B 200 -19.65 8.39 9.72
CA GLU B 200 -20.96 8.93 10.02
C GLU B 200 -21.56 9.62 8.81
N THR B 201 -20.71 10.35 8.08
CA THR B 201 -21.12 11.02 6.86
C THR B 201 -21.44 9.98 5.79
N LEU B 202 -20.49 9.08 5.56
CA LEU B 202 -20.61 8.14 4.44
C LEU B 202 -21.82 7.22 4.62
N LEU B 203 -22.03 6.73 5.83
CA LEU B 203 -23.11 5.78 6.10
C LEU B 203 -24.49 6.33 5.80
N LYS B 204 -24.64 7.65 5.91
CA LYS B 204 -25.92 8.29 5.62
C LYS B 204 -26.03 8.85 4.20
N CYS B 205 -24.94 8.81 3.43
CA CYS B 205 -24.98 9.26 2.04
C CYS B 205 -25.43 8.17 1.10
N GLU B 206 -25.75 8.56 -0.12
CA GLU B 206 -25.97 7.62 -1.18
C GLU B 206 -24.66 6.84 -1.41
N PHE B 207 -24.77 5.53 -1.56
CA PHE B 207 -23.61 4.66 -1.74
C PHE B 207 -23.28 4.64 -3.20
N SER B 208 -22.00 4.80 -3.51
CA SER B 208 -21.54 4.65 -4.89
C SER B 208 -20.13 4.06 -4.94
N ASN B 209 -19.74 3.62 -6.12
CA ASN B 209 -18.40 3.12 -6.38
C ASN B 209 -17.70 4.00 -7.43
N ASP B 210 -16.61 4.67 -7.04
CA ASP B 210 -15.91 5.61 -7.92
C ASP B 210 -15.35 4.95 -9.18
N CYS B 211 -15.15 3.62 -9.13
CA CYS B 211 -14.68 2.86 -10.29
C CYS B 211 -15.77 2.59 -11.33
N GLU B 212 -17.03 2.73 -10.92
CA GLU B 212 -18.15 2.30 -11.78
C GLU B 212 -18.22 3.05 -13.10
N VAL B 213 -18.15 4.38 -13.04
CA VAL B 213 -18.26 5.17 -14.28
CA VAL B 213 -18.29 5.15 -14.28
C VAL B 213 -17.24 4.68 -15.29
N ILE B 214 -16.00 4.46 -14.84
CA ILE B 214 -14.94 3.93 -15.72
C ILE B 214 -15.20 2.53 -16.28
N ALA B 215 -15.53 1.57 -15.42
CA ALA B 215 -15.74 0.19 -15.87
C ALA B 215 -16.91 0.11 -16.85
N ARG B 216 -17.95 0.89 -16.59
CA ARG B 216 -19.14 0.92 -17.45
C ARG B 216 -18.78 1.47 -18.84
N LYS B 217 -17.92 2.47 -18.88
CA LYS B 217 -17.57 3.17 -20.11
C LYS B 217 -16.63 2.33 -20.96
N ARG B 218 -15.64 1.72 -20.33
CA ARG B 218 -14.63 0.93 -21.05
C ARG B 218 -15.12 -0.46 -21.45
N PHE B 219 -16.08 -1.01 -20.74
CA PHE B 219 -16.52 -2.39 -20.98
C PHE B 219 -18.02 -2.50 -21.20
N ARG B 220 -18.42 -2.66 -22.46
CA ARG B 220 -19.84 -2.72 -22.86
C ARG B 220 -20.61 -3.75 -22.06
N GLU B 221 -19.94 -4.86 -21.71
CA GLU B 221 -20.57 -5.97 -21.01
C GLU B 221 -21.03 -5.57 -19.61
N VAL B 222 -20.26 -4.72 -18.94
CA VAL B 222 -20.63 -4.17 -17.63
C VAL B 222 -21.79 -3.18 -17.80
N ASP B 223 -21.70 -2.34 -18.82
CA ASP B 223 -22.78 -1.41 -19.10
C ASP B 223 -24.08 -2.17 -19.36
N ALA B 224 -24.00 -3.28 -20.09
CA ALA B 224 -25.19 -4.07 -20.40
C ALA B 224 -25.79 -4.63 -19.12
N VAL B 225 -24.95 -5.22 -18.27
CA VAL B 225 -25.44 -5.83 -17.03
C VAL B 225 -26.03 -4.79 -16.08
N LEU B 226 -25.33 -3.67 -15.92
CA LEU B 226 -25.81 -2.60 -15.06
C LEU B 226 -27.15 -2.02 -15.54
N SER B 227 -27.25 -1.77 -16.84
CA SER B 227 -28.50 -1.22 -17.42
C SER B 227 -29.66 -2.18 -17.17
N TRP B 228 -29.41 -3.48 -17.32
CA TRP B 228 -30.46 -4.47 -17.16
C TRP B 228 -30.98 -4.47 -15.73
N LEU B 229 -30.06 -4.48 -14.75
CA LEU B 229 -30.43 -4.60 -13.34
C LEU B 229 -31.06 -3.33 -12.76
N LEU B 230 -30.61 -2.15 -13.18
CA LEU B 230 -31.14 -0.88 -12.66
C LEU B 230 -32.64 -0.69 -12.96
N GLU B 231 -33.17 -1.44 -13.90
CA GLU B 231 -34.60 -1.46 -14.15
C GLU B 231 -35.36 -2.10 -12.98
N TYR B 232 -34.66 -2.83 -12.11
CA TYR B 232 -35.29 -3.55 -11.00
C TYR B 232 -34.90 -3.10 -9.60
N ALA B 233 -33.69 -2.58 -9.42
CA ALA B 233 -33.22 -2.28 -8.09
C ALA B 233 -31.95 -1.44 -8.13
N PRO B 234 -31.59 -0.80 -7.02
CA PRO B 234 -30.30 -0.11 -7.04
C PRO B 234 -29.19 -1.15 -7.21
N SER B 235 -28.35 -0.94 -8.23
CA SER B 235 -27.28 -1.86 -8.62
C SER B 235 -25.98 -1.09 -8.84
N ARG B 236 -24.88 -1.63 -8.29
CA ARG B 236 -23.55 -1.03 -8.42
C ARG B 236 -22.47 -2.06 -8.70
N LEU B 237 -21.36 -1.57 -9.22
CA LEU B 237 -20.11 -2.30 -9.30
C LEU B 237 -19.54 -2.62 -7.93
N THR B 238 -18.96 -3.81 -7.77
CA THR B 238 -18.15 -4.11 -6.59
C THR B 238 -16.69 -4.21 -7.01
N GLY B 239 -15.78 -3.86 -6.10
CA GLY B 239 -14.36 -3.79 -6.42
C GLY B 239 -14.10 -2.93 -7.64
N THR B 240 -13.19 -3.38 -8.49
CA THR B 240 -12.94 -2.71 -9.76
C THR B 240 -13.63 -3.47 -10.91
N GLY B 241 -14.70 -4.20 -10.59
CA GLY B 241 -15.45 -4.93 -11.61
C GLY B 241 -14.85 -6.30 -11.85
N ALA B 242 -15.44 -7.11 -12.74
CA ALA B 242 -16.59 -6.74 -13.55
C ALA B 242 -17.93 -6.89 -12.82
N CYS B 243 -17.94 -7.60 -11.68
CA CYS B 243 -19.19 -7.95 -11.02
C CYS B 243 -19.97 -6.74 -10.59
N VAL B 244 -21.29 -6.91 -10.61
CA VAL B 244 -22.27 -5.87 -10.31
C VAL B 244 -23.29 -6.51 -9.40
N PHE B 245 -23.80 -5.77 -8.41
CA PHE B 245 -24.79 -6.33 -7.53
C PHE B 245 -26.02 -5.45 -7.44
N ALA B 246 -27.19 -6.10 -7.39
CA ALA B 246 -28.49 -5.48 -7.19
C ALA B 246 -29.00 -5.86 -5.81
N GLU B 247 -29.50 -4.85 -5.08
CA GLU B 247 -29.88 -5.01 -3.68
C GLU B 247 -31.38 -5.24 -3.53
N PHE B 248 -31.74 -6.15 -2.63
CA PHE B 248 -33.14 -6.50 -2.41
C PHE B 248 -33.34 -6.79 -0.94
N ASP B 249 -34.56 -6.59 -0.47
CA ASP B 249 -34.86 -6.81 0.95
C ASP B 249 -35.02 -8.29 1.35
N THR B 250 -35.40 -9.11 0.37
CA THR B 250 -35.76 -10.50 0.65
C THR B 250 -35.18 -11.44 -0.40
N GLU B 251 -34.99 -12.69 0.00
CA GLU B 251 -34.55 -13.72 -0.94
C GLU B 251 -35.52 -13.86 -2.11
N SER B 252 -36.82 -13.92 -1.81
CA SER B 252 -37.85 -14.11 -2.84
C SER B 252 -37.80 -13.05 -3.94
N GLU B 253 -37.60 -11.79 -3.58
CA GLU B 253 -37.56 -10.73 -4.58
C GLU B 253 -36.29 -10.82 -5.44
N ALA B 254 -35.14 -11.00 -4.79
CA ALA B 254 -33.87 -11.24 -5.51
C ALA B 254 -34.01 -12.37 -6.51
N ARG B 255 -34.64 -13.46 -6.10
CA ARG B 255 -34.68 -14.67 -6.93
C ARG B 255 -35.75 -14.53 -8.01
N GLN B 256 -36.74 -13.69 -7.74
CA GLN B 256 -37.75 -13.30 -8.74
C GLN B 256 -37.03 -12.66 -9.91
N VAL B 257 -36.13 -11.73 -9.61
CA VAL B 257 -35.43 -11.02 -10.67
C VAL B 257 -34.41 -11.94 -11.36
N LEU B 258 -33.77 -12.81 -10.57
CA LEU B 258 -32.84 -13.79 -11.13
C LEU B 258 -33.51 -14.67 -12.17
N GLU B 259 -34.69 -15.18 -11.84
CA GLU B 259 -35.45 -16.06 -12.75
C GLU B 259 -35.85 -15.37 -14.04
N GLN B 260 -35.96 -14.04 -14.01
CA GLN B 260 -36.16 -13.23 -15.22
C GLN B 260 -34.86 -12.88 -15.96
N ALA B 261 -33.74 -12.93 -15.24
CA ALA B 261 -32.44 -12.56 -15.83
C ALA B 261 -32.09 -13.46 -17.03
N PRO B 262 -31.55 -12.84 -18.10
CA PRO B 262 -30.85 -13.57 -19.17
C PRO B 262 -29.62 -14.31 -18.66
N GLU B 263 -29.30 -15.40 -19.34
CA GLU B 263 -28.15 -16.23 -18.99
C GLU B 263 -26.87 -15.40 -18.87
N TRP B 264 -26.72 -14.40 -19.75
CA TRP B 264 -25.49 -13.60 -19.79
C TRP B 264 -25.22 -12.71 -18.56
N LEU B 265 -26.16 -12.66 -17.63
CA LEU B 265 -25.87 -12.02 -16.34
C LEU B 265 -25.02 -12.92 -15.45
N ASN B 266 -24.93 -14.21 -15.79
CA ASN B 266 -24.20 -15.19 -14.98
C ASN B 266 -24.40 -14.89 -13.51
N GLY B 267 -25.66 -14.85 -13.11
CA GLY B 267 -26.03 -14.37 -11.78
C GLY B 267 -26.25 -15.45 -10.76
N PHE B 268 -26.03 -15.10 -9.50
CA PHE B 268 -26.50 -15.90 -8.40
C PHE B 268 -27.08 -14.99 -7.34
N VAL B 269 -27.75 -15.56 -6.36
CA VAL B 269 -28.26 -14.76 -5.26
C VAL B 269 -27.63 -15.16 -3.92
N ALA B 270 -27.23 -14.17 -3.13
CA ALA B 270 -26.66 -14.45 -1.82
C ALA B 270 -26.97 -13.32 -0.83
N LYS B 271 -27.00 -13.67 0.45
CA LYS B 271 -27.32 -12.74 1.52
C LYS B 271 -26.06 -12.10 2.08
N GLY B 272 -26.12 -10.80 2.30
CA GLY B 272 -25.05 -10.09 2.97
C GLY B 272 -25.01 -10.49 4.43
N VAL B 273 -23.81 -10.77 4.93
CA VAL B 273 -23.63 -11.09 6.35
CA VAL B 273 -23.63 -11.10 6.34
C VAL B 273 -22.50 -10.27 6.92
N ASN B 274 -22.72 -9.71 8.11
CA ASN B 274 -21.75 -8.81 8.74
C ASN B 274 -20.67 -9.52 9.55
N LEU B 275 -20.98 -10.72 10.04
CA LEU B 275 -19.98 -11.62 10.60
C LEU B 275 -19.62 -12.65 9.55
N SER B 276 -18.33 -12.79 9.29
CA SER B 276 -17.84 -13.68 8.25
C SER B 276 -18.21 -15.13 8.56
N PRO B 277 -18.66 -15.88 7.54
CA PRO B 277 -18.86 -17.33 7.60
C PRO B 277 -17.64 -18.06 8.13
N LEU B 278 -16.43 -17.62 7.75
CA LEU B 278 -15.18 -18.12 8.35
C LEU B 278 -15.36 -18.03 9.84
N HIS B 279 -15.31 -16.81 10.36
CA HIS B 279 -15.29 -16.66 11.81
C HIS B 279 -16.52 -17.33 12.47
N ARG B 280 -17.68 -17.26 11.83
CA ARG B 280 -18.90 -17.90 12.37
C ARG B 280 -18.69 -19.38 12.66
N ALA B 281 -18.15 -20.11 11.69
CA ALA B 281 -17.74 -21.50 11.93
C ALA B 281 -16.46 -21.52 12.81
N MET B 282 -16.48 -20.73 13.89
CA MET B 282 -15.36 -20.63 14.82
C MET B 282 -15.86 -20.16 16.19
PB ADP C . 8.50 11.63 -2.77
O1B ADP C . 9.05 11.15 -1.44
O2B ADP C . 7.03 12.00 -2.73
O3B ADP C . 8.91 10.75 -3.94
PA ADP C . 9.72 13.39 -4.54
O1A ADP C . 10.83 12.41 -4.83
O2A ADP C . 10.00 14.87 -4.65
O3A ADP C . 9.22 13.04 -3.04
O5' ADP C . 8.39 13.05 -5.40
C5' ADP C . 7.91 13.94 -6.41
C4' ADP C . 6.39 13.85 -6.57
O4' ADP C . 5.67 14.36 -5.44
C3' ADP C . 5.96 14.68 -7.77
O3' ADP C . 4.96 13.97 -8.51
C2' ADP C . 5.36 15.94 -7.17
O2' ADP C . 4.32 16.46 -8.00
C1' ADP C . 4.87 15.50 -5.81
N9 ADP C . 4.99 16.54 -4.76
C8 ADP C . 3.95 17.17 -4.17
N7 ADP C . 4.39 18.07 -3.25
C5 ADP C . 5.73 18.02 -3.23
C6 ADP C . 6.82 18.69 -2.49
N6 ADP C . 6.58 19.65 -1.54
N1 ADP C . 8.09 18.34 -2.78
C2 ADP C . 8.37 17.41 -3.72
N3 ADP C . 7.43 16.75 -4.43
C4 ADP C . 6.12 17.01 -4.22
PB ADP D . -8.69 -10.79 -4.90
O1B ADP D . -9.11 -11.04 -3.47
O2B ADP D . -9.57 -9.82 -5.65
O3B ADP D . -7.20 -10.51 -5.01
PA ADP D . -9.34 -12.43 -7.16
O1A ADP D . -10.35 -11.36 -7.51
O2A ADP D . -9.73 -13.87 -7.36
O3A ADP D . -8.91 -12.22 -5.62
O5' ADP D . -7.97 -12.17 -7.99
C5' ADP D . -6.70 -12.59 -7.45
C4' ADP D . -5.65 -12.76 -8.55
O4' ADP D . -4.52 -13.46 -8.03
C3' ADP D . -6.17 -13.55 -9.75
O3' ADP D . -6.06 -12.76 -10.93
C2' ADP D . -5.33 -14.81 -9.84
O2' ADP D . -4.61 -14.90 -11.08
C1' ADP D . -4.36 -14.75 -8.66
N9 ADP D . -4.63 -15.86 -7.72
C8 ADP D . -3.69 -16.66 -7.19
N7 ADP D . -4.24 -17.60 -6.37
C5 ADP D . -5.58 -17.41 -6.37
C6 ADP D . -6.75 -18.04 -5.74
N6 ADP D . -6.63 -19.10 -4.90
N1 ADP D . -7.97 -17.54 -6.03
C2 ADP D . -8.14 -16.49 -6.86
N3 ADP D . -7.12 -15.87 -7.47
C4 ADP D . -5.83 -16.27 -7.27
C1 GOL E . 5.21 -29.17 -4.12
O1 GOL E . 3.89 -29.36 -4.57
C2 GOL E . 5.26 -29.26 -2.59
O2 GOL E . 4.96 -27.99 -2.05
C3 GOL E . 6.62 -29.73 -2.11
O3 GOL E . 7.04 -28.95 -1.01
#